data_5SM3
#
_entry.id   5SM3
#
_cell.length_a   67.708
_cell.length_b   68.101
_cell.length_c   138.600
_cell.angle_alpha   90.000
_cell.angle_beta   90.000
_cell.angle_gamma   90.000
#
_symmetry.space_group_name_H-M   'P 21 21 21'
#
loop_
_entity.id
_entity.type
_entity.pdbx_description
1 polymer 'Proofreading exoribonuclease nsp14'
2 non-polymer 'ZINC ION'
3 non-polymer 'PHOSPHATE ION'
4 non-polymer ~{N}-(4-hydroxyphenyl)-2-methoxy-ethanamide
5 water water
#
_entity_poly.entity_id   1
_entity_poly.type   'polypeptide(L)'
_entity_poly.pdbx_seq_one_letter_code
;SMLFKDCSKVITGLHPTQAPTHLSVDTKFKTEGLCVDIPGIPKDMTYRRLISMMGFKMNYQVNGYPNMFITREEAIRHVR
AWIGFDVEGCHATREAVGTNLPLQLGFSTGVNLVAVPTGYVDTPNNTDFSRVSAKPPPGDQFKHLIPLMYKGLPWNVVRI
KIVQMLSDTLKNLSDRVVFVLWAHGFELTSMKYFVKIGPERTCCLCDRRATCFSTASDTYACWHHSIGFDYVYNPFMIDV
QQWGFTGNLQSNHDLYCQVHGNAHVASCDAIMTRCLAVHECFVKRVDWTIEYPIIGDELKINAACRKVQHMVVKAALLAD
KFPVLHDIGNPKAIKCVPQADVEWKFYDAQPCSDKAYKIEELFYSYATHSDKFTDGVCLFWNCNVDRYPANSIVCRFDTR
VLSNLNLPGCDGGSLYVNKHAFHTPAFDKSAFVNLKQLPFFYYSDSPCESHGKQVVSDIDYVPLKSATCITRCNLGGAVC
RHHANEYRLYLDAYNMMISAGFSLWVYKQFDTYNLWNTFTRLQ
;
_entity_poly.pdbx_strand_id   D
#
loop_
_chem_comp.id
_chem_comp.type
_chem_comp.name
_chem_comp.formula
GT4 non-polymer ~{N}-(4-hydroxyphenyl)-2-methoxy-ethanamide 'C9 H11 N O3'
PO4 non-polymer 'PHOSPHATE ION' 'O4 P -3'
ZN non-polymer 'ZINC ION' 'Zn 2'
#
# COMPACT_ATOMS: atom_id res chain seq x y z
N PRO A 20 -8.10 -25.93 -8.49
CA PRO A 20 -8.94 -24.72 -8.52
C PRO A 20 -8.15 -23.43 -8.52
N THR A 21 -7.71 -23.00 -9.72
CA THR A 21 -6.94 -21.77 -9.85
C THR A 21 -7.92 -20.57 -9.91
N HIS A 22 -8.69 -20.41 -11.02
CA HIS A 22 -9.63 -19.31 -11.22
C HIS A 22 -11.07 -19.62 -10.68
N LEU A 23 -11.95 -18.61 -10.60
CA LEU A 23 -13.32 -18.77 -10.15
C LEU A 23 -14.14 -19.35 -11.29
N SER A 24 -14.92 -20.43 -11.03
CA SER A 24 -15.76 -21.07 -12.05
C SER A 24 -16.93 -20.19 -12.46
N VAL A 25 -17.21 -20.13 -13.77
CA VAL A 25 -18.36 -19.36 -14.23
C VAL A 25 -19.69 -20.02 -13.82
N ASP A 26 -19.66 -21.34 -13.47
CA ASP A 26 -20.85 -22.07 -13.02
C ASP A 26 -21.10 -21.90 -11.51
N THR A 27 -20.23 -21.14 -10.77
CA THR A 27 -20.40 -20.84 -9.35
C THR A 27 -21.67 -19.98 -9.20
N LYS A 28 -22.38 -20.15 -8.09
CA LYS A 28 -23.61 -19.41 -7.84
C LYS A 28 -23.33 -17.98 -7.38
N PHE A 29 -24.18 -17.05 -7.82
CA PHE A 29 -24.09 -15.64 -7.47
C PHE A 29 -25.39 -15.27 -6.76
N LYS A 30 -25.30 -14.84 -5.47
CA LYS A 30 -26.46 -14.40 -4.71
C LYS A 30 -26.95 -13.10 -5.35
N THR A 31 -28.16 -13.08 -5.89
CA THR A 31 -28.68 -11.92 -6.60
C THR A 31 -29.57 -11.02 -5.78
N GLU A 32 -29.64 -11.22 -4.46
CA GLU A 32 -30.54 -10.43 -3.62
C GLU A 32 -30.23 -8.91 -3.63
N GLY A 33 -28.95 -8.56 -3.55
CA GLY A 33 -28.50 -7.18 -3.63
C GLY A 33 -28.77 -6.50 -4.96
N LEU A 34 -29.13 -7.26 -6.01
CA LEU A 34 -29.41 -6.70 -7.35
C LEU A 34 -30.89 -6.43 -7.61
N CYS A 35 -31.80 -7.01 -6.82
CA CYS A 35 -33.25 -6.99 -7.11
C CYS A 35 -33.99 -5.61 -6.97
N VAL A 36 -33.33 -4.55 -6.51
CA VAL A 36 -33.97 -3.21 -6.48
C VAL A 36 -33.72 -2.52 -7.83
N ASP A 37 -32.47 -2.57 -8.34
CA ASP A 37 -32.21 -2.06 -9.69
C ASP A 37 -32.73 -3.04 -10.76
N ILE A 38 -32.73 -4.34 -10.45
CA ILE A 38 -33.21 -5.41 -11.36
C ILE A 38 -34.35 -6.22 -10.75
N PRO A 39 -35.58 -5.68 -10.77
CA PRO A 39 -36.72 -6.43 -10.20
C PRO A 39 -37.07 -7.73 -10.94
N GLY A 40 -37.34 -8.76 -10.18
CA GLY A 40 -37.69 -10.06 -10.72
C GLY A 40 -36.50 -10.88 -11.20
N ILE A 41 -35.30 -10.55 -10.70
CA ILE A 41 -34.10 -11.27 -11.07
C ILE A 41 -34.16 -12.71 -10.49
N PRO A 42 -33.78 -13.72 -11.29
CA PRO A 42 -33.80 -15.10 -10.79
C PRO A 42 -32.95 -15.27 -9.56
N LYS A 43 -33.46 -15.89 -8.53
CA LYS A 43 -32.67 -16.16 -7.32
C LYS A 43 -31.53 -17.14 -7.65
N ASP A 44 -31.79 -18.10 -8.52
CA ASP A 44 -30.80 -19.07 -8.96
C ASP A 44 -30.07 -18.37 -10.10
N MET A 45 -28.78 -18.09 -9.89
CA MET A 45 -27.95 -17.37 -10.85
C MET A 45 -26.52 -17.85 -10.80
N THR A 46 -25.89 -18.04 -11.97
CA THR A 46 -24.45 -18.35 -12.02
C THR A 46 -23.70 -17.16 -12.60
N TYR A 47 -22.38 -17.16 -12.48
CA TYR A 47 -21.57 -16.12 -13.08
C TYR A 47 -21.76 -16.09 -14.61
N ARG A 48 -21.93 -17.26 -15.23
CA ARG A 48 -22.13 -17.47 -16.65
C ARG A 48 -23.40 -16.77 -17.14
N ARG A 49 -24.47 -16.90 -16.38
CA ARG A 49 -25.76 -16.27 -16.70
C ARG A 49 -25.69 -14.76 -16.42
N LEU A 50 -25.02 -14.37 -15.34
CA LEU A 50 -24.81 -12.95 -15.00
C LEU A 50 -24.02 -12.25 -16.09
N ILE A 51 -22.93 -12.86 -16.57
CA ILE A 51 -22.09 -12.23 -17.59
C ILE A 51 -22.87 -12.03 -18.90
N SER A 52 -23.67 -13.04 -19.26
CA SER A 52 -24.55 -13.00 -20.42
C SER A 52 -25.58 -11.85 -20.28
N MET A 53 -26.19 -11.74 -19.08
CA MET A 53 -27.16 -10.70 -18.73
C MET A 53 -26.52 -9.29 -18.82
N MET A 54 -25.22 -9.19 -18.49
CA MET A 54 -24.50 -7.92 -18.60
C MET A 54 -24.17 -7.51 -20.05
N GLY A 55 -24.49 -8.36 -21.03
CA GLY A 55 -24.24 -8.10 -22.44
C GLY A 55 -22.94 -8.63 -23.01
N PHE A 56 -22.26 -9.55 -22.30
CA PHE A 56 -20.98 -10.08 -22.76
C PHE A 56 -21.02 -11.50 -23.23
N LYS A 57 -20.46 -11.78 -24.42
CA LYS A 57 -20.44 -13.15 -24.93
C LYS A 57 -19.07 -13.77 -24.72
N MET A 58 -18.99 -14.84 -23.91
CA MET A 58 -17.69 -15.49 -23.66
C MET A 58 -17.35 -16.54 -24.74
N ASN A 59 -18.33 -16.97 -25.57
CA ASN A 59 -18.16 -17.88 -26.71
C ASN A 59 -17.28 -19.15 -26.48
N TYR A 60 -17.20 -19.67 -25.22
CA TYR A 60 -16.34 -20.79 -24.80
C TYR A 60 -14.88 -20.45 -25.16
N GLN A 61 -14.26 -19.59 -24.35
CA GLN A 61 -12.92 -19.13 -24.66
C GLN A 61 -11.87 -19.55 -23.59
N VAL A 62 -10.95 -20.46 -24.01
CA VAL A 62 -9.83 -20.94 -23.20
C VAL A 62 -8.58 -20.12 -23.57
N ASN A 63 -8.73 -18.79 -23.62
CA ASN A 63 -7.62 -17.94 -24.01
C ASN A 63 -7.11 -17.04 -22.88
N GLY A 64 -7.07 -17.58 -21.67
CA GLY A 64 -6.53 -16.91 -20.50
C GLY A 64 -7.45 -15.98 -19.73
N TYR A 65 -8.67 -15.79 -20.22
CA TYR A 65 -9.63 -14.92 -19.54
C TYR A 65 -10.88 -15.79 -19.25
N PRO A 66 -10.84 -16.68 -18.22
CA PRO A 66 -11.96 -17.61 -18.00
C PRO A 66 -13.23 -17.01 -17.41
N ASN A 67 -13.12 -15.94 -16.63
CA ASN A 67 -14.24 -15.28 -15.97
C ASN A 67 -13.86 -13.78 -15.70
N MET A 68 -14.83 -12.84 -15.87
CA MET A 68 -14.63 -11.43 -15.55
C MET A 68 -14.52 -11.25 -14.01
N PHE A 69 -15.23 -12.12 -13.25
CA PHE A 69 -15.22 -12.16 -11.80
C PHE A 69 -14.12 -13.09 -11.28
N ILE A 70 -13.51 -12.70 -10.16
CA ILE A 70 -12.39 -13.45 -9.61
C ILE A 70 -12.62 -13.84 -8.16
N THR A 71 -11.80 -14.78 -7.64
CA THR A 71 -11.85 -15.22 -6.24
C THR A 71 -11.27 -14.15 -5.32
N ARG A 72 -11.54 -14.26 -4.01
CA ARG A 72 -11.00 -13.37 -2.98
C ARG A 72 -9.48 -13.57 -2.93
N GLU A 73 -8.98 -14.82 -3.05
CA GLU A 73 -7.53 -15.10 -3.05
C GLU A 73 -6.80 -14.42 -4.24
N GLU A 74 -7.41 -14.45 -5.44
CA GLU A 74 -6.85 -13.78 -6.60
C GLU A 74 -6.96 -12.26 -6.43
N ALA A 75 -8.01 -11.75 -5.78
CA ALA A 75 -8.15 -10.31 -5.55
C ALA A 75 -7.05 -9.78 -4.63
N ILE A 76 -6.72 -10.53 -3.57
CA ILE A 76 -5.68 -10.19 -2.60
C ILE A 76 -4.32 -10.21 -3.29
N ARG A 77 -4.08 -11.18 -4.20
CA ARG A 77 -2.83 -11.18 -4.96
C ARG A 77 -2.68 -9.94 -5.89
N HIS A 78 -3.81 -9.31 -6.25
CA HIS A 78 -3.86 -8.17 -7.14
C HIS A 78 -4.43 -6.93 -6.46
N VAL A 79 -4.17 -6.76 -5.15
CA VAL A 79 -4.64 -5.58 -4.42
C VAL A 79 -4.25 -4.25 -5.08
N ARG A 80 -3.05 -4.18 -5.74
CA ARG A 80 -2.60 -2.96 -6.43
C ARG A 80 -3.51 -2.51 -7.57
N ALA A 81 -4.31 -3.45 -8.11
CA ALA A 81 -5.25 -3.20 -9.20
C ALA A 81 -6.64 -2.75 -8.72
N TRP A 82 -6.92 -2.82 -7.41
CA TRP A 82 -8.25 -2.50 -6.88
C TRP A 82 -8.71 -1.07 -7.10
N ILE A 83 -9.85 -0.91 -7.77
CA ILE A 83 -10.49 0.38 -8.01
C ILE A 83 -11.92 0.16 -7.62
N GLY A 84 -12.37 0.80 -6.57
CA GLY A 84 -13.76 0.76 -6.15
C GLY A 84 -14.63 1.40 -7.22
N PHE A 85 -15.73 0.74 -7.56
CA PHE A 85 -16.62 1.23 -8.60
C PHE A 85 -18.07 1.16 -8.11
N ASP A 86 -18.83 2.23 -8.32
CA ASP A 86 -20.23 2.33 -7.97
C ASP A 86 -20.99 3.17 -9.01
N VAL A 87 -22.22 2.78 -9.36
CA VAL A 87 -23.04 3.55 -10.29
C VAL A 87 -24.36 3.88 -9.62
N GLU A 88 -24.70 5.17 -9.57
CA GLU A 88 -25.94 5.63 -8.95
C GLU A 88 -26.79 6.39 -9.96
N GLY A 89 -28.01 5.93 -10.20
CA GLY A 89 -28.92 6.61 -11.11
C GLY A 89 -29.28 8.01 -10.62
N CYS A 90 -29.12 9.03 -11.48
CA CYS A 90 -29.45 10.41 -11.11
C CYS A 90 -30.96 10.64 -11.23
N HIS A 91 -31.58 10.07 -12.28
CA HIS A 91 -33.02 10.20 -12.46
C HIS A 91 -33.74 8.83 -12.39
N GLY A 98 -30.43 4.22 -16.66
CA GLY A 98 -31.07 3.04 -17.20
C GLY A 98 -31.63 3.25 -18.59
N THR A 99 -30.76 3.81 -19.49
CA THR A 99 -31.03 4.15 -20.91
C THR A 99 -32.13 5.26 -21.06
N ASN A 100 -32.88 5.54 -19.99
CA ASN A 100 -33.86 6.61 -19.93
C ASN A 100 -33.22 7.73 -19.06
N LEU A 101 -32.66 7.36 -17.89
CA LEU A 101 -32.04 8.28 -16.93
C LEU A 101 -30.50 8.33 -16.99
N PRO A 102 -29.91 9.48 -16.62
CA PRO A 102 -28.45 9.59 -16.59
C PRO A 102 -27.80 8.92 -15.38
N LEU A 103 -26.67 8.22 -15.56
CA LEU A 103 -26.00 7.54 -14.47
C LEU A 103 -24.78 8.29 -13.94
N GLN A 104 -24.56 8.23 -12.62
CA GLN A 104 -23.38 8.81 -12.01
C GLN A 104 -22.41 7.66 -11.74
N LEU A 105 -21.22 7.70 -12.35
CA LEU A 105 -20.20 6.67 -12.21
C LEU A 105 -19.20 7.15 -11.18
N GLY A 106 -18.97 6.37 -10.14
CA GLY A 106 -18.04 6.74 -9.09
C GLY A 106 -16.87 5.81 -8.98
N PHE A 107 -15.68 6.37 -8.81
CA PHE A 107 -14.45 5.56 -8.68
C PHE A 107 -13.74 5.89 -7.37
N SER A 108 -12.98 4.92 -6.82
CA SER A 108 -12.27 5.15 -5.56
C SER A 108 -11.06 6.17 -5.72
N THR A 109 -10.86 6.69 -6.94
CA THR A 109 -9.93 7.77 -7.22
C THR A 109 -10.54 9.13 -6.79
N GLY A 110 -11.83 9.16 -6.44
CA GLY A 110 -12.55 10.38 -6.09
C GLY A 110 -13.32 10.98 -7.25
N VAL A 111 -13.20 10.38 -8.45
CA VAL A 111 -13.86 10.83 -9.66
C VAL A 111 -15.35 10.41 -9.79
N ASN A 112 -16.19 11.38 -10.20
CA ASN A 112 -17.61 11.16 -10.50
C ASN A 112 -17.89 11.64 -11.93
N LEU A 113 -18.21 10.71 -12.84
CA LEU A 113 -18.54 11.09 -14.22
C LEU A 113 -20.05 10.88 -14.41
N VAL A 114 -20.74 11.80 -15.09
CA VAL A 114 -22.17 11.61 -15.38
C VAL A 114 -22.31 11.22 -16.85
N ALA A 115 -22.95 10.06 -17.12
CA ALA A 115 -23.20 9.52 -18.46
C ALA A 115 -24.65 9.73 -18.84
N VAL A 116 -24.91 10.24 -20.04
CA VAL A 116 -26.28 10.41 -20.53
C VAL A 116 -26.48 9.56 -21.79
N PRO A 117 -27.64 8.88 -21.91
CA PRO A 117 -27.84 7.97 -23.06
C PRO A 117 -28.48 8.60 -24.29
N THR A 118 -28.34 9.92 -24.45
CA THR A 118 -28.86 10.73 -25.54
C THR A 118 -28.62 10.13 -26.92
N PRO A 147 -14.10 13.36 -4.87
CA PRO A 147 -15.33 14.17 -4.94
C PRO A 147 -15.30 15.17 -6.10
N LEU A 148 -14.74 14.75 -7.26
CA LEU A 148 -14.68 15.61 -8.45
C LEU A 148 -15.90 15.34 -9.34
N MET A 149 -16.87 16.26 -9.31
CA MET A 149 -18.14 16.22 -10.03
C MET A 149 -18.07 16.77 -11.45
N TYR A 150 -18.17 15.89 -12.48
CA TYR A 150 -18.18 16.31 -13.89
C TYR A 150 -19.62 16.24 -14.43
N LYS A 151 -20.03 17.23 -15.27
CA LYS A 151 -21.36 17.32 -15.87
C LYS A 151 -21.68 16.19 -16.87
N GLY A 152 -22.99 15.96 -17.11
CA GLY A 152 -23.54 14.91 -17.97
C GLY A 152 -23.08 14.90 -19.41
N LEU A 153 -22.37 13.85 -19.81
CA LEU A 153 -21.82 13.72 -21.16
C LEU A 153 -22.09 12.36 -21.73
N PRO A 154 -22.21 12.21 -23.08
CA PRO A 154 -22.47 10.88 -23.63
C PRO A 154 -21.35 9.87 -23.38
N TRP A 155 -21.70 8.60 -23.41
CA TRP A 155 -20.79 7.48 -23.15
C TRP A 155 -19.54 7.48 -24.01
N ASN A 156 -19.66 7.85 -25.29
CA ASN A 156 -18.52 7.85 -26.19
C ASN A 156 -17.39 8.74 -25.71
N VAL A 157 -17.72 9.85 -25.00
CA VAL A 157 -16.67 10.69 -24.45
C VAL A 157 -16.36 10.26 -22.99
N VAL A 158 -17.35 9.77 -22.23
CA VAL A 158 -17.15 9.26 -20.85
C VAL A 158 -16.11 8.10 -20.82
N ARG A 159 -16.27 7.08 -21.71
CA ARG A 159 -15.36 5.94 -21.83
C ARG A 159 -13.92 6.34 -22.08
N ILE A 160 -13.69 7.42 -22.87
CA ILE A 160 -12.35 7.98 -23.14
C ILE A 160 -11.66 8.43 -21.83
N LYS A 161 -12.42 9.13 -20.95
CA LYS A 161 -11.96 9.64 -19.66
C LYS A 161 -11.62 8.48 -18.68
N ILE A 162 -12.37 7.37 -18.76
CA ILE A 162 -12.24 6.18 -17.92
C ILE A 162 -10.93 5.45 -18.19
N VAL A 163 -10.56 5.31 -19.46
CA VAL A 163 -9.30 4.71 -19.86
C VAL A 163 -8.13 5.62 -19.41
N GLN A 164 -8.26 6.95 -19.59
CA GLN A 164 -7.23 7.88 -19.16
C GLN A 164 -6.99 7.79 -17.66
N MET A 165 -8.08 7.75 -16.88
CA MET A 165 -8.03 7.73 -15.43
C MET A 165 -7.45 6.43 -14.87
N LEU A 166 -7.91 5.29 -15.35
CA LEU A 166 -7.40 4.00 -14.90
C LEU A 166 -5.92 3.83 -15.33
N SER A 167 -5.56 4.29 -16.54
CA SER A 167 -4.19 4.20 -17.03
C SER A 167 -3.22 5.01 -16.18
N ASP A 168 -3.59 6.25 -15.83
CA ASP A 168 -2.73 7.10 -15.01
C ASP A 168 -2.68 6.62 -13.56
N THR A 169 -3.75 5.99 -13.07
CA THR A 169 -3.78 5.49 -11.71
C THR A 169 -3.01 4.18 -11.55
N LEU A 170 -3.08 3.32 -12.57
CA LEU A 170 -2.51 1.98 -12.47
C LEU A 170 -1.21 1.67 -13.22
N LYS A 171 -0.74 2.45 -14.21
CA LYS A 171 0.46 2.06 -14.97
C LYS A 171 1.68 1.72 -14.11
N ASN A 172 1.85 2.41 -12.98
CA ASN A 172 2.96 2.14 -12.07
C ASN A 172 2.58 1.20 -10.90
N LEU A 173 1.32 0.73 -10.85
CA LEU A 173 0.86 -0.15 -9.80
C LEU A 173 0.69 -1.57 -10.26
N SER A 174 0.03 -1.78 -11.41
CA SER A 174 -0.37 -3.12 -11.81
C SER A 174 -0.49 -3.32 -13.32
N ASP A 175 -0.59 -4.60 -13.74
CA ASP A 175 -0.84 -5.03 -15.11
C ASP A 175 -2.34 -5.22 -15.41
N ARG A 176 -3.24 -4.85 -14.49
CA ARG A 176 -4.68 -5.01 -14.67
C ARG A 176 -5.49 -4.00 -13.81
N VAL A 177 -6.83 -4.09 -13.86
CA VAL A 177 -7.77 -3.34 -13.02
C VAL A 177 -8.69 -4.38 -12.38
N VAL A 178 -9.08 -4.18 -11.12
CA VAL A 178 -10.04 -5.06 -10.46
C VAL A 178 -11.11 -4.11 -9.92
N PHE A 179 -12.30 -4.09 -10.52
CA PHE A 179 -13.36 -3.22 -10.07
C PHE A 179 -13.95 -3.85 -8.82
N VAL A 180 -13.78 -3.20 -7.68
CA VAL A 180 -14.30 -3.71 -6.41
C VAL A 180 -15.70 -3.14 -6.26
N LEU A 181 -16.71 -4.04 -6.14
CA LEU A 181 -18.12 -3.69 -6.13
C LEU A 181 -18.86 -4.07 -4.87
N TRP A 182 -19.94 -3.34 -4.60
CA TRP A 182 -20.97 -3.65 -3.62
C TRP A 182 -22.21 -3.56 -4.55
N ALA A 183 -22.32 -4.58 -5.41
CA ALA A 183 -23.26 -4.67 -6.53
C ALA A 183 -24.74 -4.60 -6.20
N HIS A 184 -25.40 -3.60 -6.81
CA HIS A 184 -26.84 -3.38 -6.76
C HIS A 184 -27.51 -3.47 -8.14
N GLY A 185 -26.74 -3.44 -9.23
CA GLY A 185 -27.30 -3.62 -10.56
C GLY A 185 -26.74 -2.75 -11.66
N PHE A 186 -26.86 -1.42 -11.50
CA PHE A 186 -26.39 -0.43 -12.47
C PHE A 186 -24.94 -0.48 -12.86
N GLU A 187 -24.06 -0.87 -11.94
CA GLU A 187 -22.63 -0.90 -12.26
C GLU A 187 -22.31 -2.03 -13.24
N LEU A 188 -22.98 -3.17 -13.10
CA LEU A 188 -22.81 -4.34 -13.96
C LEU A 188 -23.46 -4.11 -15.31
N THR A 189 -24.68 -3.55 -15.34
CA THR A 189 -25.37 -3.28 -16.60
C THR A 189 -24.72 -2.13 -17.36
N SER A 190 -24.08 -1.18 -16.68
CA SER A 190 -23.41 -0.09 -17.35
C SER A 190 -22.02 -0.50 -17.90
N MET A 191 -21.45 -1.64 -17.45
CA MET A 191 -20.14 -2.08 -17.92
C MET A 191 -20.03 -2.28 -19.43
N LYS A 192 -21.13 -2.54 -20.12
CA LYS A 192 -21.11 -2.76 -21.57
C LYS A 192 -20.82 -1.49 -22.38
N TYR A 193 -21.00 -0.31 -21.78
CA TYR A 193 -20.74 0.93 -22.47
C TYR A 193 -19.28 1.36 -22.44
N PHE A 194 -18.45 0.70 -21.63
CA PHE A 194 -17.04 1.06 -21.56
C PHE A 194 -16.10 -0.15 -21.48
N VAL A 195 -16.62 -1.39 -21.50
CA VAL A 195 -15.77 -2.57 -21.43
C VAL A 195 -15.90 -3.44 -22.68
N LYS A 196 -14.77 -3.93 -23.20
CA LYS A 196 -14.70 -4.93 -24.27
C LYS A 196 -13.93 -6.13 -23.70
N ILE A 197 -14.41 -7.35 -23.96
CA ILE A 197 -13.74 -8.56 -23.51
C ILE A 197 -13.33 -9.44 -24.72
N GLY A 198 -12.40 -10.35 -24.48
CA GLY A 198 -11.90 -11.24 -25.51
C GLY A 198 -10.73 -12.03 -25.01
N PRO A 199 -9.95 -12.60 -25.94
CA PRO A 199 -8.76 -13.38 -25.53
C PRO A 199 -7.68 -12.51 -24.89
N GLU A 200 -6.80 -13.11 -24.06
CA GLU A 200 -5.70 -12.36 -23.47
C GLU A 200 -4.76 -11.88 -24.58
N ARG A 201 -4.31 -10.63 -24.48
CA ARG A 201 -3.50 -10.04 -25.54
C ARG A 201 -2.27 -9.29 -25.04
N THR A 202 -1.34 -8.99 -25.95
CA THR A 202 -0.19 -8.18 -25.61
C THR A 202 -0.39 -6.78 -26.16
N CYS A 203 0.36 -5.83 -25.64
CA CYS A 203 0.28 -4.44 -26.06
C CYS A 203 0.81 -4.27 -27.51
N CYS A 204 0.30 -3.27 -28.24
CA CYS A 204 0.75 -3.00 -29.60
C CYS A 204 2.15 -2.36 -29.60
N LEU A 205 2.51 -1.64 -28.52
CA LEU A 205 3.80 -0.99 -28.40
C LEU A 205 4.78 -1.66 -27.43
N CYS A 206 4.33 -2.68 -26.66
CA CYS A 206 5.23 -3.35 -25.71
C CYS A 206 4.81 -4.82 -25.37
N ASP A 207 5.55 -5.48 -24.45
CA ASP A 207 5.30 -6.87 -24.11
C ASP A 207 4.31 -7.08 -22.96
N ARG A 208 3.78 -6.01 -22.36
CA ARG A 208 2.81 -6.14 -21.26
C ARG A 208 1.43 -6.59 -21.75
N ARG A 209 0.61 -7.20 -20.86
CA ARG A 209 -0.74 -7.61 -21.25
C ARG A 209 -1.60 -6.37 -21.55
N ALA A 210 -2.49 -6.51 -22.52
CA ALA A 210 -3.37 -5.44 -22.92
C ALA A 210 -4.42 -5.21 -21.84
N THR A 211 -4.67 -3.96 -21.56
CA THR A 211 -5.68 -3.53 -20.60
C THR A 211 -6.70 -2.55 -21.24
N CYS A 212 -6.43 -2.08 -22.47
CA CYS A 212 -7.24 -1.10 -23.19
C CYS A 212 -7.38 -1.50 -24.66
N PHE A 213 -8.42 -0.97 -25.30
CA PHE A 213 -8.66 -1.20 -26.73
C PHE A 213 -9.12 0.09 -27.40
N SER A 214 -8.69 0.30 -28.66
CA SER A 214 -9.13 1.47 -29.40
C SER A 214 -9.96 1.10 -30.65
N THR A 215 -11.19 1.64 -30.74
CA THR A 215 -12.03 1.41 -31.93
C THR A 215 -11.48 2.21 -33.12
N ALA A 216 -11.02 3.42 -32.86
CA ALA A 216 -10.43 4.28 -33.87
C ALA A 216 -9.27 3.61 -34.62
N SER A 217 -8.40 2.88 -33.92
CA SER A 217 -7.24 2.23 -34.55
C SER A 217 -7.29 0.69 -34.65
N ASP A 218 -8.33 0.06 -34.10
CA ASP A 218 -8.49 -1.40 -34.03
C ASP A 218 -7.30 -2.12 -33.33
N THR A 219 -6.69 -1.48 -32.32
CA THR A 219 -5.53 -2.07 -31.63
C THR A 219 -5.69 -2.12 -30.08
N TYR A 220 -4.73 -2.78 -29.39
CA TYR A 220 -4.71 -3.01 -27.94
C TYR A 220 -3.48 -2.41 -27.26
N ALA A 221 -3.63 -1.98 -26.00
CA ALA A 221 -2.51 -1.39 -25.27
C ALA A 221 -2.55 -1.64 -23.77
N CYS A 222 -1.38 -1.60 -23.11
CA CYS A 222 -1.24 -1.65 -21.67
C CYS A 222 -1.60 -0.23 -21.11
N TRP A 223 -1.50 0.01 -19.78
CA TRP A 223 -1.82 1.33 -19.25
C TRP A 223 -0.79 2.39 -19.72
N HIS A 224 0.47 1.97 -20.00
CA HIS A 224 1.51 2.92 -20.43
C HIS A 224 1.34 3.43 -21.87
N HIS A 225 0.61 2.69 -22.75
CA HIS A 225 0.52 3.10 -24.14
C HIS A 225 -0.87 3.35 -24.65
N SER A 226 -1.82 3.58 -23.74
CA SER A 226 -3.24 3.72 -24.05
C SER A 226 -3.76 5.13 -24.29
N ILE A 227 -2.90 6.06 -24.70
CA ILE A 227 -3.32 7.44 -24.95
C ILE A 227 -4.26 7.48 -26.16
N GLY A 228 -5.46 7.99 -25.93
CA GLY A 228 -6.47 8.03 -26.98
C GLY A 228 -7.33 6.79 -27.09
N PHE A 229 -7.11 5.78 -26.20
CA PHE A 229 -7.91 4.54 -26.27
C PHE A 229 -9.28 4.77 -25.59
N ASP A 230 -10.34 4.12 -26.10
CA ASP A 230 -11.70 4.33 -25.60
C ASP A 230 -12.31 3.17 -24.81
N TYR A 231 -11.76 1.94 -24.91
CA TYR A 231 -12.36 0.82 -24.18
C TYR A 231 -11.47 0.20 -23.14
N VAL A 232 -12.09 -0.26 -22.04
CA VAL A 232 -11.38 -1.00 -21.01
C VAL A 232 -11.41 -2.44 -21.49
N TYR A 233 -10.24 -3.04 -21.64
CA TYR A 233 -10.13 -4.39 -22.16
C TYR A 233 -9.80 -5.45 -21.12
N ASN A 234 -10.64 -6.49 -21.04
CA ASN A 234 -10.47 -7.61 -20.12
C ASN A 234 -10.26 -7.18 -18.67
N PRO A 235 -11.19 -6.34 -18.14
CA PRO A 235 -11.08 -5.97 -16.73
C PRO A 235 -11.43 -7.13 -15.82
N PHE A 236 -11.12 -6.99 -14.54
CA PHE A 236 -11.52 -7.99 -13.55
C PHE A 236 -12.46 -7.30 -12.55
N MET A 237 -13.24 -8.07 -11.82
CA MET A 237 -14.19 -7.51 -10.87
C MET A 237 -14.53 -8.50 -9.78
N ILE A 238 -14.93 -7.98 -8.63
CA ILE A 238 -15.28 -8.80 -7.50
C ILE A 238 -16.37 -8.08 -6.70
N ASP A 239 -17.39 -8.85 -6.30
CA ASP A 239 -18.50 -8.33 -5.55
C ASP A 239 -18.36 -8.70 -4.08
N VAL A 240 -18.10 -7.67 -3.26
CA VAL A 240 -17.95 -7.75 -1.81
C VAL A 240 -19.25 -8.27 -1.17
N GLN A 241 -20.40 -7.92 -1.74
CA GLN A 241 -21.70 -8.38 -1.26
C GLN A 241 -21.80 -9.92 -1.31
N GLN A 242 -21.06 -10.60 -2.20
CA GLN A 242 -20.99 -12.07 -2.24
C GLN A 242 -20.27 -12.71 -1.04
N TRP A 243 -19.67 -11.91 -0.17
CA TRP A 243 -18.91 -12.42 0.97
C TRP A 243 -19.74 -12.69 2.22
N GLY A 244 -21.01 -12.35 2.19
CA GLY A 244 -21.92 -12.63 3.29
C GLY A 244 -21.92 -11.59 4.37
N PHE A 245 -22.67 -10.53 4.14
CA PHE A 245 -22.75 -9.44 5.10
C PHE A 245 -24.22 -9.16 5.42
N THR A 246 -24.48 -8.65 6.61
CA THR A 246 -25.83 -8.27 6.99
C THR A 246 -25.87 -6.75 6.95
N GLY A 247 -26.92 -6.21 6.31
CA GLY A 247 -27.07 -4.77 6.19
C GLY A 247 -26.36 -4.15 5.00
N ASN A 248 -26.57 -2.85 4.81
CA ASN A 248 -26.02 -2.10 3.69
C ASN A 248 -24.51 -1.81 3.82
N LEU A 249 -23.91 -1.26 2.74
CA LEU A 249 -22.51 -0.86 2.65
C LEU A 249 -22.08 0.07 3.77
N GLN A 250 -22.82 1.16 4.01
CA GLN A 250 -22.44 2.11 5.04
C GLN A 250 -22.36 1.48 6.44
N SER A 251 -23.37 0.69 6.82
CA SER A 251 -23.38 0.06 8.15
C SER A 251 -22.20 -0.91 8.38
N ASN A 252 -21.72 -1.59 7.33
CA ASN A 252 -20.60 -2.52 7.48
C ASN A 252 -19.28 -1.79 7.46
N HIS A 253 -19.15 -0.80 6.57
CA HIS A 253 -17.95 -0.01 6.45
C HIS A 253 -17.70 0.78 7.76
N ASP A 254 -18.73 1.51 8.25
CA ASP A 254 -18.67 2.35 9.44
C ASP A 254 -18.33 1.62 10.74
N LEU A 255 -18.39 0.30 10.75
CA LEU A 255 -18.01 -0.51 11.90
C LEU A 255 -16.49 -0.43 12.15
N TYR A 256 -15.71 -0.27 11.07
CA TYR A 256 -14.26 -0.29 11.08
C TYR A 256 -13.60 1.03 10.63
N CYS A 257 -14.39 2.00 10.11
CA CYS A 257 -13.80 3.21 9.58
C CYS A 257 -14.60 4.49 9.83
N GLN A 258 -13.91 5.48 10.42
CA GLN A 258 -14.49 6.80 10.69
C GLN A 258 -13.97 7.89 9.74
N VAL A 259 -12.87 7.60 9.00
CA VAL A 259 -12.20 8.50 8.06
C VAL A 259 -13.00 8.73 6.76
N HIS A 260 -13.69 7.70 6.28
CA HIS A 260 -14.51 7.85 5.07
C HIS A 260 -15.92 8.09 5.48
N GLY A 261 -16.50 9.14 4.93
CA GLY A 261 -17.89 9.50 5.19
C GLY A 261 -18.76 9.28 3.97
N ASN A 262 -20.05 9.62 4.08
CA ASN A 262 -20.95 9.50 2.94
C ASN A 262 -21.56 10.82 2.52
N ALA A 263 -20.88 11.55 1.62
CA ALA A 263 -21.43 12.79 1.07
C ALA A 263 -22.60 12.53 0.08
N HIS A 264 -23.02 11.24 -0.05
CA HIS A 264 -24.11 10.69 -0.85
C HIS A 264 -23.87 10.74 -2.38
N VAL A 265 -22.60 10.67 -2.81
CA VAL A 265 -22.22 10.57 -4.22
C VAL A 265 -21.64 9.16 -4.51
N ALA A 266 -21.58 8.77 -5.78
CA ALA A 266 -21.10 7.46 -6.18
C ALA A 266 -19.66 7.16 -5.79
N SER A 267 -18.77 8.16 -5.87
CA SER A 267 -17.37 7.97 -5.48
C SER A 267 -17.24 7.68 -3.97
N CYS A 268 -18.17 8.20 -3.13
CA CYS A 268 -18.17 7.95 -1.69
C CYS A 268 -18.36 6.46 -1.41
N ASP A 269 -19.28 5.84 -2.15
CA ASP A 269 -19.58 4.42 -2.03
C ASP A 269 -18.43 3.57 -2.59
N ALA A 270 -17.81 4.04 -3.69
CA ALA A 270 -16.72 3.35 -4.35
C ALA A 270 -15.50 3.26 -3.42
N ILE A 271 -15.23 4.35 -2.70
CA ILE A 271 -14.17 4.46 -1.69
C ILE A 271 -14.47 3.54 -0.48
N MET A 272 -15.72 3.60 0.08
CA MET A 272 -16.19 2.79 1.21
C MET A 272 -16.11 1.27 0.91
N THR A 273 -16.39 0.90 -0.36
CA THR A 273 -16.39 -0.48 -0.85
C THR A 273 -14.98 -1.10 -0.81
N ARG A 274 -14.02 -0.39 -1.40
CA ARG A 274 -12.62 -0.80 -1.44
C ARG A 274 -12.01 -0.80 -0.02
N CYS A 275 -12.43 0.16 0.84
CA CYS A 275 -11.97 0.25 2.22
C CYS A 275 -12.48 -0.98 2.99
N LEU A 276 -13.76 -1.36 2.78
CA LEU A 276 -14.31 -2.52 3.46
C LEU A 276 -13.59 -3.78 2.98
N ALA A 277 -13.37 -3.91 1.66
CA ALA A 277 -12.62 -5.02 1.07
C ALA A 277 -11.21 -5.11 1.69
N VAL A 278 -10.46 -3.96 1.80
CA VAL A 278 -9.13 -3.90 2.39
C VAL A 278 -9.20 -4.34 3.86
N HIS A 279 -10.20 -3.87 4.63
CA HIS A 279 -10.35 -4.26 6.03
C HIS A 279 -10.48 -5.77 6.19
N GLU A 280 -11.30 -6.38 5.33
CA GLU A 280 -11.53 -7.81 5.36
C GLU A 280 -10.36 -8.64 4.91
N CYS A 281 -9.62 -8.17 3.92
CA CYS A 281 -8.56 -8.96 3.32
C CYS A 281 -7.17 -8.70 3.89
N PHE A 282 -6.98 -7.56 4.59
CA PHE A 282 -5.66 -7.19 5.10
C PHE A 282 -5.65 -6.72 6.55
N VAL A 283 -6.79 -6.26 7.07
CA VAL A 283 -6.83 -5.76 8.45
C VAL A 283 -7.17 -6.90 9.43
N LYS A 284 -8.30 -7.58 9.20
CA LYS A 284 -8.75 -8.69 10.04
C LYS A 284 -8.13 -10.00 9.59
N ARG A 285 -8.03 -10.21 8.27
CA ARG A 285 -7.42 -11.41 7.72
C ARG A 285 -5.99 -11.01 7.34
N VAL A 286 -4.98 -11.72 7.85
CA VAL A 286 -3.59 -11.38 7.50
C VAL A 286 -2.83 -12.58 6.96
N ASP A 287 -2.35 -12.47 5.71
CA ASP A 287 -1.55 -13.52 5.10
C ASP A 287 -0.22 -12.94 4.67
N TRP A 288 0.83 -13.16 5.48
CA TRP A 288 2.17 -12.66 5.14
C TRP A 288 2.98 -13.60 4.22
N THR A 289 2.35 -14.68 3.70
CA THR A 289 3.02 -15.60 2.79
C THR A 289 2.79 -15.24 1.29
N ILE A 290 1.95 -14.22 1.01
CA ILE A 290 1.70 -13.82 -0.36
C ILE A 290 2.78 -12.83 -0.77
N GLU A 291 3.54 -13.17 -1.81
CA GLU A 291 4.58 -12.32 -2.33
C GLU A 291 4.01 -11.38 -3.39
N TYR A 292 4.62 -10.22 -3.59
CA TYR A 292 4.14 -9.27 -4.58
C TYR A 292 5.30 -8.83 -5.48
N PRO A 293 5.02 -8.64 -6.78
CA PRO A 293 6.09 -8.19 -7.70
C PRO A 293 6.76 -6.86 -7.35
N ILE A 294 7.96 -6.63 -7.95
CA ILE A 294 8.73 -5.40 -7.79
C ILE A 294 8.19 -4.37 -8.77
N ILE A 295 7.69 -3.25 -8.27
CA ILE A 295 7.16 -2.17 -9.12
C ILE A 295 7.89 -0.83 -8.92
N GLY A 296 8.95 -0.81 -8.10
CA GLY A 296 9.70 0.38 -7.79
C GLY A 296 11.03 0.14 -7.11
N ASP A 297 11.31 0.90 -6.06
CA ASP A 297 12.58 0.87 -5.37
C ASP A 297 12.61 -0.05 -4.16
N GLU A 298 11.80 -1.10 -4.17
CA GLU A 298 11.73 -2.05 -3.06
C GLU A 298 13.08 -2.61 -2.60
N LEU A 299 13.97 -2.96 -3.52
CA LEU A 299 15.27 -3.52 -3.13
C LEU A 299 16.16 -2.50 -2.46
N LYS A 300 16.18 -1.27 -2.99
CA LYS A 300 16.98 -0.20 -2.43
C LYS A 300 16.43 0.25 -1.09
N ILE A 301 15.09 0.31 -0.94
CA ILE A 301 14.47 0.77 0.28
C ILE A 301 14.71 -0.20 1.42
N ASN A 302 14.68 -1.50 1.14
CA ASN A 302 14.89 -2.51 2.17
C ASN A 302 16.34 -2.57 2.59
N ALA A 303 17.28 -2.36 1.65
CA ALA A 303 18.69 -2.35 1.98
C ALA A 303 19.05 -1.08 2.76
N ALA A 304 18.40 0.06 2.41
CA ALA A 304 18.57 1.33 3.10
C ALA A 304 18.09 1.20 4.53
N CYS A 305 16.97 0.52 4.77
CA CYS A 305 16.41 0.33 6.10
C CYS A 305 17.34 -0.49 7.00
N ARG A 306 18.02 -1.51 6.42
CA ARG A 306 18.97 -2.37 7.12
C ARG A 306 20.24 -1.62 7.50
N LYS A 307 20.70 -0.70 6.62
CA LYS A 307 21.90 0.11 6.85
C LYS A 307 21.63 1.15 7.92
N VAL A 308 20.50 1.89 7.81
CA VAL A 308 20.09 2.91 8.77
C VAL A 308 19.93 2.31 10.18
N GLN A 309 19.26 1.15 10.28
CA GLN A 309 19.05 0.49 11.58
C GLN A 309 20.37 0.14 12.27
N HIS A 310 21.31 -0.48 11.53
CA HIS A 310 22.61 -0.87 12.06
C HIS A 310 23.36 0.38 12.54
N MET A 311 23.37 1.42 11.70
CA MET A 311 23.98 2.68 11.99
C MET A 311 23.44 3.34 13.26
N VAL A 312 22.13 3.55 13.31
CA VAL A 312 21.49 4.25 14.41
C VAL A 312 21.59 3.51 15.73
N VAL A 313 21.52 2.20 15.69
CA VAL A 313 21.58 1.41 16.91
C VAL A 313 23.01 1.27 17.40
N LYS A 314 23.96 1.10 16.46
CA LYS A 314 25.39 1.08 16.79
C LYS A 314 25.81 2.36 17.50
N ALA A 315 25.39 3.53 16.98
CA ALA A 315 25.76 4.82 17.57
C ALA A 315 25.07 5.12 18.88
N ALA A 316 23.83 4.66 19.09
CA ALA A 316 23.15 4.88 20.37
C ALA A 316 23.87 4.10 21.50
N LEU A 317 24.37 2.92 21.18
CA LEU A 317 25.10 2.05 22.09
C LEU A 317 26.48 2.55 22.39
N LEU A 318 27.10 3.31 21.48
CA LEU A 318 28.43 3.88 21.72
C LEU A 318 28.28 5.16 22.53
N ALA A 319 27.31 6.02 22.15
CA ALA A 319 27.05 7.30 22.79
C ALA A 319 26.51 7.22 24.23
N ASP A 320 25.60 6.28 24.52
CA ASP A 320 25.03 6.18 25.85
C ASP A 320 25.35 4.89 26.62
N LYS A 321 26.09 3.96 25.98
CA LYS A 321 26.58 2.69 26.55
C LYS A 321 25.57 1.94 27.43
N PHE A 322 24.36 1.73 26.92
CA PHE A 322 23.31 1.03 27.63
C PHE A 322 23.72 -0.39 27.91
N PRO A 323 23.47 -0.92 29.13
CA PRO A 323 23.87 -2.31 29.42
C PRO A 323 22.91 -3.37 28.87
N VAL A 324 21.67 -2.96 28.51
CA VAL A 324 20.67 -3.87 28.00
C VAL A 324 19.84 -3.20 26.89
N LEU A 325 19.46 -3.98 25.87
CA LEU A 325 18.62 -3.48 24.77
C LEU A 325 17.45 -4.46 24.63
N HIS A 326 16.22 -3.93 24.68
CA HIS A 326 14.96 -4.65 24.57
C HIS A 326 14.47 -4.47 23.15
N ASP A 327 14.57 -5.54 22.34
CA ASP A 327 14.20 -5.49 20.94
C ASP A 327 12.78 -6.03 20.80
N ILE A 328 11.82 -5.12 20.61
CA ILE A 328 10.39 -5.45 20.53
C ILE A 328 9.88 -5.38 19.10
N GLY A 329 9.41 -6.51 18.59
CA GLY A 329 8.89 -6.55 17.23
C GLY A 329 9.01 -7.91 16.58
N ASN A 330 9.39 -7.93 15.31
CA ASN A 330 9.49 -9.15 14.50
C ASN A 330 10.00 -10.41 15.24
N PRO A 331 9.16 -11.45 15.37
CA PRO A 331 9.64 -12.69 16.01
C PRO A 331 10.83 -13.34 15.27
N LYS A 332 11.04 -12.99 13.99
CA LYS A 332 12.17 -13.52 13.23
C LYS A 332 13.38 -12.59 13.20
N ALA A 333 13.42 -11.52 14.03
CA ALA A 333 14.52 -10.54 14.03
C ALA A 333 15.85 -11.04 14.57
N ILE A 334 16.93 -10.64 13.90
CA ILE A 334 18.31 -10.96 14.25
C ILE A 334 18.96 -9.69 14.81
N LYS A 335 20.04 -9.81 15.64
CA LYS A 335 20.78 -8.64 16.17
C LYS A 335 21.27 -7.75 15.01
N CYS A 336 20.84 -6.49 14.98
CA CYS A 336 21.25 -5.60 13.90
C CYS A 336 22.67 -5.05 14.07
N VAL A 337 23.24 -5.15 15.30
CA VAL A 337 24.62 -4.75 15.65
C VAL A 337 25.23 -5.99 16.37
N PRO A 338 25.61 -7.04 15.58
CA PRO A 338 26.07 -8.29 16.20
C PRO A 338 27.38 -8.26 16.99
N GLN A 339 28.11 -7.14 16.95
CA GLN A 339 29.36 -7.04 17.69
C GLN A 339 29.20 -6.29 19.02
N ALA A 340 28.09 -5.54 19.21
CA ALA A 340 27.82 -4.76 20.43
C ALA A 340 27.98 -5.54 21.74
N ASP A 341 28.46 -4.86 22.79
CA ASP A 341 28.70 -5.51 24.10
C ASP A 341 27.40 -5.88 24.85
N VAL A 342 26.34 -5.11 24.59
CA VAL A 342 25.01 -5.12 25.19
C VAL A 342 24.32 -6.50 25.34
N GLU A 343 23.47 -6.59 26.37
CA GLU A 343 22.64 -7.74 26.63
C GLU A 343 21.44 -7.53 25.73
N TRP A 344 21.37 -8.29 24.63
CA TRP A 344 20.30 -8.17 23.65
C TRP A 344 19.16 -9.13 24.00
N LYS A 345 17.96 -8.59 24.29
CA LYS A 345 16.79 -9.39 24.66
C LYS A 345 15.67 -9.14 23.68
N PHE A 346 15.11 -10.22 23.10
CA PHE A 346 14.03 -10.16 22.11
C PHE A 346 12.63 -10.41 22.70
N TYR A 347 11.64 -9.72 22.17
CA TYR A 347 10.23 -9.80 22.54
C TYR A 347 9.49 -9.85 21.24
N ASP A 348 8.59 -10.85 21.07
CA ASP A 348 7.91 -11.04 19.80
C ASP A 348 6.58 -10.36 19.74
N ALA A 349 6.37 -9.63 18.67
CA ALA A 349 5.09 -9.01 18.39
C ALA A 349 5.03 -8.85 16.89
N GLN A 350 4.01 -9.40 16.30
CA GLN A 350 3.79 -9.32 14.86
C GLN A 350 3.37 -7.90 14.45
N PRO A 351 3.50 -7.53 13.15
CA PRO A 351 3.06 -6.20 12.74
C PRO A 351 1.56 -6.01 12.97
N CYS A 352 1.19 -4.97 13.72
CA CYS A 352 -0.24 -4.71 13.99
C CYS A 352 -0.86 -4.06 12.77
N SER A 353 -1.99 -4.59 12.31
CA SER A 353 -2.66 -4.03 11.13
C SER A 353 -3.97 -3.29 11.47
N ASP A 354 -4.56 -3.60 12.63
CA ASP A 354 -5.81 -2.99 13.06
C ASP A 354 -5.48 -1.67 13.77
N LYS A 355 -5.31 -1.67 15.10
CA LYS A 355 -4.91 -0.48 15.84
C LYS A 355 -3.48 -0.70 16.34
N ALA A 356 -2.78 0.40 16.66
CA ALA A 356 -1.42 0.31 17.17
C ALA A 356 -1.44 -0.28 18.58
N TYR A 357 -0.46 -1.14 18.89
CA TYR A 357 -0.34 -1.79 20.19
C TYR A 357 -0.42 -0.86 21.36
N LYS A 358 -1.02 -1.29 22.47
CA LYS A 358 -1.03 -0.49 23.67
C LYS A 358 0.22 -0.91 24.45
N ILE A 359 1.09 0.06 24.76
CA ILE A 359 2.33 -0.21 25.48
C ILE A 359 2.07 -0.92 26.84
N GLU A 360 0.91 -0.68 27.46
CA GLU A 360 0.55 -1.34 28.71
C GLU A 360 0.40 -2.85 28.51
N GLU A 361 -0.13 -3.27 27.34
CA GLU A 361 -0.33 -4.70 27.07
C GLU A 361 0.93 -5.39 26.53
N LEU A 362 1.93 -4.63 26.05
CA LEU A 362 3.17 -5.22 25.57
C LEU A 362 4.14 -5.38 26.76
N PHE A 363 4.19 -4.36 27.64
CA PHE A 363 5.12 -4.32 28.75
C PHE A 363 4.63 -4.81 30.08
N TYR A 364 3.33 -4.64 30.38
CA TYR A 364 2.84 -4.98 31.73
C TYR A 364 2.01 -6.30 31.76
N SER A 365 1.41 -6.61 32.94
CA SER A 365 0.69 -7.85 33.28
C SER A 365 1.67 -8.99 33.69
N TYR A 366 2.92 -8.59 34.11
CA TYR A 366 4.06 -9.39 34.53
C TYR A 366 4.72 -10.12 33.37
N HIS A 369 13.04 -11.96 29.74
CA HIS A 369 12.93 -10.51 29.90
C HIS A 369 13.54 -10.02 31.18
N SER A 370 14.04 -8.78 31.16
CA SER A 370 14.53 -8.15 32.38
C SER A 370 13.33 -7.78 33.29
N ASP A 371 12.06 -7.73 32.72
CA ASP A 371 10.81 -7.27 33.32
C ASP A 371 10.85 -5.72 33.46
N LYS A 372 12.05 -5.17 33.73
CA LYS A 372 12.34 -3.75 33.83
C LYS A 372 12.72 -3.22 32.43
N PHE A 373 11.71 -2.82 31.65
CA PHE A 373 11.91 -2.22 30.33
C PHE A 373 12.56 -0.81 30.41
N THR A 374 12.47 -0.18 31.59
CA THR A 374 13.02 1.13 31.94
C THR A 374 14.55 1.15 32.03
N ASP A 375 15.18 -0.04 32.17
CA ASP A 375 16.64 -0.21 32.18
C ASP A 375 17.08 -0.30 30.71
N GLY A 376 18.15 0.38 30.35
CA GLY A 376 18.68 0.35 28.98
C GLY A 376 17.83 1.03 27.94
N VAL A 377 17.88 0.53 26.70
CA VAL A 377 17.13 1.11 25.61
C VAL A 377 16.14 0.12 24.97
N CYS A 378 14.97 0.63 24.57
CA CYS A 378 13.97 -0.16 23.90
C CYS A 378 14.09 0.16 22.39
N LEU A 379 14.20 -0.87 21.56
CA LEU A 379 14.29 -0.71 20.11
C LEU A 379 12.92 -1.15 19.54
N PHE A 380 12.19 -0.23 18.88
CA PHE A 380 10.90 -0.49 18.23
C PHE A 380 11.08 -0.26 16.71
N TRP A 381 11.70 -1.22 16.02
CA TRP A 381 11.87 -1.09 14.56
C TRP A 381 10.64 -1.62 13.87
N ASN A 382 9.76 -0.70 13.44
CA ASN A 382 8.47 -0.95 12.81
C ASN A 382 7.51 -1.70 13.71
N CYS A 383 7.60 -1.51 15.03
CA CYS A 383 6.65 -2.11 15.96
C CYS A 383 5.81 -0.92 16.41
N ASN A 384 4.65 -0.72 15.79
CA ASN A 384 3.80 0.46 16.00
C ASN A 384 3.04 0.45 17.31
N VAL A 385 3.39 1.32 18.26
CA VAL A 385 2.69 1.37 19.55
C VAL A 385 1.99 2.75 19.75
N ASP A 386 1.03 2.83 20.70
CA ASP A 386 0.30 4.07 21.00
C ASP A 386 1.16 5.23 21.57
N ARG A 387 2.15 4.91 22.39
CA ARG A 387 3.00 5.91 23.01
C ARG A 387 4.27 5.22 23.44
N TYR A 388 5.37 5.57 22.79
CA TYR A 388 6.64 4.94 23.07
C TYR A 388 7.21 5.42 24.39
N PRO A 389 7.88 4.53 25.14
CA PRO A 389 8.55 4.99 26.37
C PRO A 389 9.71 5.94 26.01
N ALA A 390 10.08 6.81 26.94
CA ALA A 390 11.13 7.79 26.70
C ALA A 390 12.50 7.21 26.30
N ASN A 391 12.88 5.99 26.75
CA ASN A 391 14.21 5.42 26.43
C ASN A 391 14.16 4.58 25.13
N SER A 392 13.73 5.19 24.01
CA SER A 392 13.53 4.40 22.78
C SER A 392 14.24 4.86 21.55
N ILE A 393 14.40 3.95 20.57
CA ILE A 393 14.90 4.12 19.21
C ILE A 393 13.72 3.60 18.38
N VAL A 394 13.16 4.45 17.51
CA VAL A 394 11.95 4.09 16.79
C VAL A 394 11.97 4.36 15.30
N CYS A 395 11.59 3.36 14.50
CA CYS A 395 11.32 3.52 13.07
C CYS A 395 9.81 3.28 12.96
N ARG A 396 9.06 4.31 12.54
CA ARG A 396 7.61 4.24 12.41
C ARG A 396 7.20 4.69 11.00
N PHE A 397 6.59 3.77 10.20
CA PHE A 397 6.11 4.08 8.86
C PHE A 397 4.98 5.13 8.89
N ASP A 398 5.16 6.18 8.08
CA ASP A 398 4.20 7.26 7.98
C ASP A 398 3.22 6.93 6.89
N THR A 399 2.02 6.52 7.30
CA THR A 399 0.93 6.13 6.41
C THR A 399 0.48 7.24 5.45
N ARG A 400 0.82 8.53 5.75
CA ARG A 400 0.40 9.62 4.87
C ARG A 400 1.23 9.75 3.60
N VAL A 401 2.38 9.07 3.52
CA VAL A 401 3.30 9.19 2.40
C VAL A 401 2.66 8.85 1.06
N LEU A 402 2.89 9.69 0.05
CA LEU A 402 2.39 9.44 -1.30
C LEU A 402 3.44 8.66 -2.10
N SER A 403 3.14 7.39 -2.46
CA SER A 403 4.04 6.55 -3.27
C SER A 403 3.32 5.37 -3.96
N ASN A 404 4.00 4.71 -4.90
CA ASN A 404 3.46 3.52 -5.58
C ASN A 404 3.43 2.30 -4.66
N LEU A 405 4.23 2.26 -3.58
CA LEU A 405 4.21 1.15 -2.63
C LEU A 405 3.10 1.32 -1.58
N ASN A 406 2.81 2.56 -1.22
CA ASN A 406 1.78 2.86 -0.22
C ASN A 406 0.40 3.04 -0.89
N LEU A 407 -0.54 2.16 -0.58
CA LEU A 407 -1.91 2.23 -1.09
C LEU A 407 -2.84 2.69 0.04
N PRO A 408 -3.92 3.43 -0.30
CA PRO A 408 -4.86 3.88 0.74
C PRO A 408 -5.54 2.73 1.51
N GLY A 409 -5.63 2.88 2.82
CA GLY A 409 -6.20 1.85 3.67
C GLY A 409 -7.44 2.22 4.44
N CYS A 410 -7.66 1.50 5.53
N CYS A 410 -7.64 1.52 5.56
CA CYS A 410 -8.84 1.57 6.39
CA CYS A 410 -8.82 1.68 6.41
C CYS A 410 -8.61 2.32 7.69
C CYS A 410 -8.54 2.48 7.63
N ASP A 411 -9.53 3.26 8.05
CA ASP A 411 -9.48 4.07 9.28
C ASP A 411 -8.22 4.95 9.42
N GLY A 412 -7.79 5.57 8.33
CA GLY A 412 -6.59 6.41 8.34
C GLY A 412 -5.31 5.66 8.06
N GLY A 413 -5.32 4.35 8.22
CA GLY A 413 -4.19 3.50 7.95
C GLY A 413 -3.93 3.37 6.47
N SER A 414 -2.86 2.66 6.12
CA SER A 414 -2.50 2.48 4.73
C SER A 414 -1.96 1.09 4.52
N LEU A 415 -1.98 0.62 3.27
CA LEU A 415 -1.53 -0.70 2.92
C LEU A 415 -0.21 -0.57 2.24
N TYR A 416 0.88 -0.87 2.96
CA TYR A 416 2.21 -0.75 2.37
C TYR A 416 2.57 -2.07 1.75
N VAL A 417 2.76 -2.06 0.42
CA VAL A 417 3.04 -3.29 -0.30
C VAL A 417 4.48 -3.29 -0.85
N ASN A 418 5.37 -3.95 -0.13
CA ASN A 418 6.78 -4.10 -0.47
C ASN A 418 7.12 -5.54 -0.05
N LYS A 419 7.19 -6.45 -1.04
CA LYS A 419 7.41 -7.90 -0.89
C LYS A 419 6.11 -8.54 -0.35
N HIS A 420 5.63 -8.02 0.78
CA HIS A 420 4.40 -8.49 1.41
C HIS A 420 3.46 -7.29 1.63
N ALA A 421 2.18 -7.58 1.94
CA ALA A 421 1.21 -6.51 2.19
C ALA A 421 1.13 -6.27 3.69
N PHE A 422 1.28 -5.03 4.11
CA PHE A 422 1.24 -4.67 5.53
C PHE A 422 0.32 -3.51 5.72
N HIS A 423 -0.91 -3.77 6.22
CA HIS A 423 -1.80 -2.67 6.54
C HIS A 423 -1.26 -2.08 7.84
N THR A 424 -0.88 -0.81 7.83
CA THR A 424 -0.28 -0.13 8.97
C THR A 424 -1.31 0.84 9.53
N PRO A 425 -1.42 0.92 10.87
CA PRO A 425 -2.40 1.85 11.48
C PRO A 425 -2.05 3.31 11.25
N ALA A 426 -3.03 4.24 11.30
CA ALA A 426 -2.77 5.66 11.05
C ALA A 426 -1.61 6.24 11.83
N PHE A 427 -0.79 7.07 11.15
CA PHE A 427 0.31 7.75 11.77
C PHE A 427 -0.29 8.79 12.74
N ASP A 428 0.17 8.78 13.99
CA ASP A 428 -0.29 9.63 15.07
C ASP A 428 0.94 10.31 15.66
N LYS A 429 1.00 11.65 15.56
CA LYS A 429 2.13 12.43 16.04
C LYS A 429 2.34 12.35 17.55
N SER A 430 1.26 12.13 18.32
CA SER A 430 1.32 11.99 19.77
C SER A 430 2.01 10.71 20.25
N ALA A 431 2.19 9.70 19.36
CA ALA A 431 2.88 8.47 19.76
C ALA A 431 4.32 8.72 20.20
N PHE A 432 4.91 9.84 19.74
CA PHE A 432 6.30 10.20 19.96
C PHE A 432 6.52 11.44 20.85
N VAL A 433 5.63 11.73 21.82
CA VAL A 433 5.83 12.88 22.71
C VAL A 433 7.01 12.73 23.66
N ASN A 434 7.37 11.49 24.06
CA ASN A 434 8.54 11.30 24.94
C ASN A 434 9.85 11.20 24.16
N LEU A 435 9.81 11.37 22.82
CA LEU A 435 11.01 11.29 22.00
C LEU A 435 11.24 12.60 21.16
N LYS A 436 12.32 12.63 20.39
CA LYS A 436 12.60 13.71 19.45
C LYS A 436 12.89 13.07 18.07
N GLN A 437 12.85 13.87 17.00
CA GLN A 437 13.17 13.38 15.67
C GLN A 437 14.66 13.04 15.63
N LEU A 438 15.02 11.87 15.10
CA LEU A 438 16.43 11.50 15.02
C LEU A 438 17.08 12.28 13.88
N PRO A 439 18.12 13.09 14.16
CA PRO A 439 18.77 13.85 13.09
C PRO A 439 19.74 13.01 12.26
N PHE A 440 19.97 13.42 11.02
CA PHE A 440 20.90 12.69 10.16
C PHE A 440 22.35 12.83 10.68
N PHE A 441 23.10 11.75 10.55
CA PHE A 441 24.51 11.65 10.86
C PHE A 441 25.01 10.36 10.24
N TYR A 442 26.28 10.31 9.91
CA TYR A 442 26.92 9.11 9.40
C TYR A 442 28.07 8.90 10.38
N TYR A 443 28.18 7.79 11.05
CA TYR A 443 29.27 7.50 11.98
C TYR A 443 30.10 6.33 11.44
N SER A 444 31.42 6.33 11.63
CA SER A 444 32.26 5.22 11.23
C SER A 444 33.59 5.15 12.00
N ASP A 445 33.90 3.98 12.54
CA ASP A 445 35.15 3.66 13.23
C ASP A 445 36.12 2.86 12.32
N SER A 446 35.71 2.52 11.08
CA SER A 446 36.50 1.78 10.10
C SER A 446 37.75 2.54 9.70
N PRO A 447 38.86 1.82 9.41
CA PRO A 447 40.10 2.51 9.04
C PRO A 447 39.97 3.41 7.81
N CYS A 448 40.81 4.46 7.74
CA CYS A 448 40.79 5.37 6.61
C CYS A 448 41.73 4.76 5.59
N GLU A 449 41.17 4.17 4.54
CA GLU A 449 41.94 3.47 3.53
C GLU A 449 41.07 3.33 2.28
N SER A 450 41.50 3.98 1.16
CA SER A 450 40.80 4.06 -0.12
C SER A 450 40.37 2.68 -0.71
N HIS A 451 41.33 1.85 -1.20
CA HIS A 451 41.06 0.52 -1.78
C HIS A 451 40.12 0.54 -3.00
N GLY A 452 40.66 0.32 -4.20
CA GLY A 452 39.86 0.28 -5.41
C GLY A 452 40.22 1.27 -6.50
N ILE A 459 34.32 5.73 -10.07
CA ILE A 459 33.82 6.85 -9.27
C ILE A 459 34.95 7.85 -9.04
N ASP A 460 34.67 9.15 -9.19
CA ASP A 460 35.70 10.18 -9.01
C ASP A 460 35.58 10.95 -7.65
N TYR A 461 36.29 12.11 -7.46
CA TYR A 461 36.26 12.79 -6.16
C TYR A 461 36.25 14.34 -6.18
N VAL A 462 35.39 14.90 -5.31
CA VAL A 462 35.24 16.32 -4.93
C VAL A 462 35.26 16.26 -3.40
N PRO A 463 36.21 16.93 -2.75
CA PRO A 463 36.33 16.80 -1.29
C PRO A 463 35.05 17.03 -0.48
N LEU A 464 34.84 16.17 0.53
CA LEU A 464 33.65 16.27 1.36
C LEU A 464 33.88 17.09 2.59
N LYS A 465 33.00 18.07 2.83
CA LYS A 465 33.00 18.89 4.02
C LYS A 465 31.60 18.76 4.67
N SER A 466 31.53 18.19 5.89
CA SER A 466 30.25 18.06 6.56
C SER A 466 30.43 17.95 8.05
N ALA A 467 29.53 18.58 8.82
CA ALA A 467 29.57 18.50 10.28
C ALA A 467 29.02 17.16 10.83
N THR A 468 28.29 16.40 10.00
CA THR A 468 27.65 15.15 10.39
C THR A 468 28.41 13.90 9.90
N CYS A 469 29.65 14.05 9.42
CA CYS A 469 30.44 12.89 9.01
C CYS A 469 31.26 12.59 10.25
N ILE A 470 30.79 11.71 11.13
CA ILE A 470 31.49 11.47 12.40
C ILE A 470 32.56 10.36 12.22
N THR A 471 33.79 10.79 11.86
CA THR A 471 34.91 9.88 11.59
C THR A 471 36.24 10.47 12.17
N ARG A 472 37.28 9.61 12.32
CA ARG A 472 38.60 10.03 12.80
C ARG A 472 39.21 11.08 11.86
N CYS A 473 39.03 10.91 10.55
CA CYS A 473 39.54 11.84 9.55
C CYS A 473 38.93 13.21 9.69
N ASN A 474 37.64 13.31 9.93
CA ASN A 474 36.93 14.57 10.10
C ASN A 474 37.27 15.24 11.45
N LEU A 475 37.55 14.43 12.48
CA LEU A 475 38.01 14.92 13.77
C LEU A 475 39.42 15.54 13.52
N GLY A 476 40.28 14.77 12.85
CA GLY A 476 41.62 15.19 12.47
C GLY A 476 41.69 16.31 11.44
N GLY A 477 40.55 16.87 11.05
CA GLY A 477 40.50 18.02 10.16
C GLY A 477 40.09 17.83 8.71
N ALA A 478 40.27 16.63 8.13
CA ALA A 478 39.95 16.43 6.71
C ALA A 478 39.41 15.02 6.35
N VAL A 479 38.15 14.93 5.88
CA VAL A 479 37.56 13.64 5.51
C VAL A 479 38.33 12.95 4.34
N CYS A 480 38.78 11.71 4.58
CA CYS A 480 39.48 10.87 3.61
C CYS A 480 38.48 10.41 2.50
N ARG A 481 38.98 9.96 1.32
CA ARG A 481 38.13 9.53 0.20
C ARG A 481 37.19 8.39 0.53
N HIS A 482 37.70 7.35 1.22
CA HIS A 482 36.87 6.20 1.61
C HIS A 482 35.63 6.60 2.42
N HIS A 483 35.82 7.40 3.48
CA HIS A 483 34.69 7.82 4.31
C HIS A 483 33.77 8.80 3.58
N ALA A 484 34.27 9.52 2.57
CA ALA A 484 33.45 10.43 1.77
C ALA A 484 32.55 9.66 0.81
N ASN A 485 33.02 8.52 0.27
CA ASN A 485 32.21 7.64 -0.61
C ASN A 485 31.13 7.02 0.24
N GLU A 486 31.51 6.49 1.41
CA GLU A 486 30.64 5.84 2.38
C GLU A 486 29.63 6.80 2.99
N TYR A 487 29.96 8.08 3.08
CA TYR A 487 29.06 9.08 3.65
C TYR A 487 27.97 9.36 2.64
N ARG A 488 28.36 9.59 1.37
CA ARG A 488 27.41 9.90 0.31
C ARG A 488 26.56 8.72 -0.05
N LEU A 489 27.09 7.48 0.07
CA LEU A 489 26.30 6.27 -0.16
C LEU A 489 25.28 6.12 0.95
N TYR A 490 25.68 6.32 2.21
CA TYR A 490 24.77 6.26 3.36
C TYR A 490 23.72 7.36 3.34
N LEU A 491 24.08 8.58 3.00
CA LEU A 491 23.13 9.70 2.91
C LEU A 491 22.06 9.39 1.84
N ASP A 492 22.47 8.74 0.74
CA ASP A 492 21.54 8.37 -0.33
C ASP A 492 20.57 7.32 0.15
N ALA A 493 21.06 6.32 0.90
CA ALA A 493 20.21 5.27 1.46
C ALA A 493 19.24 5.89 2.48
N TYR A 494 19.73 6.80 3.31
CA TYR A 494 18.92 7.51 4.28
C TYR A 494 17.77 8.30 3.62
N ASN A 495 18.05 9.08 2.57
CA ASN A 495 17.04 9.87 1.86
C ASN A 495 16.01 8.99 1.15
N MET A 496 16.42 7.79 0.73
CA MET A 496 15.58 6.80 0.09
C MET A 496 14.55 6.28 1.12
N MET A 497 15.05 5.90 2.29
CA MET A 497 14.31 5.37 3.42
C MET A 497 13.31 6.40 3.95
N ILE A 498 13.71 7.67 4.01
CA ILE A 498 12.83 8.73 4.52
C ILE A 498 11.70 9.02 3.53
N SER A 499 12.04 9.07 2.24
CA SER A 499 11.07 9.34 1.19
C SER A 499 10.13 8.17 0.93
N ALA A 500 10.56 6.93 1.25
CA ALA A 500 9.66 5.78 1.17
C ALA A 500 8.54 5.87 2.25
N GLY A 501 8.71 6.73 3.27
CA GLY A 501 7.72 6.96 4.30
C GLY A 501 8.16 6.69 5.73
N PHE A 502 9.36 6.11 5.92
CA PHE A 502 9.82 5.78 7.26
C PHE A 502 10.26 6.99 8.04
N SER A 503 9.88 7.06 9.33
CA SER A 503 10.30 8.18 10.17
C SER A 503 11.08 7.63 11.35
N LEU A 504 12.17 8.31 11.70
CA LEU A 504 13.07 7.92 12.78
C LEU A 504 12.95 8.86 13.95
N TRP A 505 12.95 8.29 15.15
CA TRP A 505 12.76 8.96 16.43
C TRP A 505 13.70 8.33 17.47
N VAL A 506 14.13 9.12 18.45
CA VAL A 506 15.10 8.67 19.45
C VAL A 506 14.86 9.38 20.79
N TYR A 507 15.38 8.78 21.89
CA TYR A 507 15.33 9.36 23.23
C TYR A 507 15.99 10.76 23.22
N LYS A 508 15.47 11.69 24.06
CA LYS A 508 15.92 13.11 24.04
C LYS A 508 17.40 13.38 24.41
N GLN A 509 18.07 12.43 25.06
CA GLN A 509 19.46 12.61 25.43
C GLN A 509 20.43 12.19 24.32
N PHE A 510 19.93 11.63 23.19
CA PHE A 510 20.79 11.26 22.09
C PHE A 510 21.50 12.50 21.53
N ASP A 511 22.82 12.41 21.46
CA ASP A 511 23.64 13.51 20.99
C ASP A 511 24.83 12.90 20.27
N THR A 512 24.98 13.22 18.98
CA THR A 512 26.13 12.70 18.22
C THR A 512 27.48 13.28 18.70
N TYR A 513 27.46 14.31 19.56
CA TYR A 513 28.69 14.88 20.10
C TYR A 513 29.45 13.85 20.94
N ASN A 514 28.71 12.89 21.55
CA ASN A 514 29.28 11.82 22.33
C ASN A 514 29.93 10.72 21.50
N LEU A 515 29.94 10.85 20.16
CA LEU A 515 30.57 9.86 19.30
C LEU A 515 32.04 10.15 19.01
N TRP A 516 32.46 11.42 19.07
CA TRP A 516 33.85 11.78 18.79
C TRP A 516 34.83 11.21 19.82
N ASN A 517 34.38 11.00 21.07
CA ASN A 517 35.15 10.41 22.17
C ASN A 517 35.54 8.94 21.93
N THR A 518 34.95 8.29 20.93
CA THR A 518 35.32 6.92 20.58
C THR A 518 36.57 6.91 19.62
N PHE A 519 37.21 8.09 19.42
CA PHE A 519 38.39 8.26 18.61
C PHE A 519 39.50 8.80 19.53
N THR A 520 39.89 7.97 20.50
CA THR A 520 40.92 8.29 21.50
C THR A 520 42.26 7.60 21.21
ZN ZN B . -13.23 3.63 5.18
ZN ZN C . 38.51 8.46 6.97
ZN ZN D . 2.58 -1.19 -23.74
P PO4 E . -0.75 -7.00 -9.79
O1 PO4 E . -0.91 -8.58 -9.75
O2 PO4 E . 0.15 -6.56 -8.54
O3 PO4 E . -0.06 -6.65 -11.15
O4 PO4 E . -2.16 -6.25 -9.66
P PO4 F . 32.27 1.83 6.59
O1 PO4 F . 30.89 2.34 6.00
O2 PO4 F . 32.13 1.74 8.19
O3 PO4 F . 33.41 2.84 6.23
O4 PO4 F . 32.73 0.43 5.97
N1 GT4 G . 9.25 -9.81 -5.11
C4 GT4 G . 10.01 -8.95 -4.29
C5 GT4 G . 11.29 -9.28 -3.85
C6 GT4 G . 12.00 -8.39 -3.06
C7 GT4 G . 11.46 -7.17 -2.71
C8 GT4 G . 10.19 -6.84 -3.15
C1 GT4 G . 6.28 -12.11 -6.80
O1 GT4 G . 7.34 -11.68 -5.96
C2 GT4 G . 8.56 -11.54 -6.64
C3 GT4 G . 9.62 -10.92 -5.77
O2 GT4 G . 10.72 -11.44 -5.70
C9 GT4 G . 9.48 -7.72 -3.94
O3 GT4 G . 12.17 -6.29 -1.93
#